data_5UEI
#
_entry.id   5UEI
#
_cell.length_a   86.663
_cell.length_b   86.663
_cell.length_c   38.108
_cell.angle_alpha   90.000
_cell.angle_beta   90.000
_cell.angle_gamma   90.000
#
_symmetry.space_group_name_H-M   'P 41'
#
loop_
_entity.id
_entity.type
_entity.pdbx_description
1 polymer O13
2 non-polymer 'CHLORIDE ION'
3 non-polymer GLYCEROL
4 water water
#
_entity_poly.entity_id   1
_entity_poly.type   'polypeptide(L)'
_entity_poly.pdbx_seq_one_letter_code
;HHHHHHGACPSQCSCSGTTVNCKSKSLASVPAGIPTTTRVLYLNDNQITKLEPGVFDRLVNLQTLWLNNNQLTSLPAGLF
DSLTQLTILALDSNQLQALPVGVFGRLVDLQQLYLGSNQLSALPSAVFDRLVHLKELLMCCNKLTELPRGIERLTHLTHL
ALDQNQLKSIPHGAFDRLSSLTHAYLFGNPWDCECRDIMYLRNWVADHTSIVMRWDGKAVNDPDSAKCAGTNTPVRAVTE
ASTSPSKCP
;
_entity_poly.pdbx_strand_id   A
#
loop_
_chem_comp.id
_chem_comp.type
_chem_comp.name
_chem_comp.formula
CL non-polymer 'CHLORIDE ION' 'Cl -1'
GOL non-polymer GLYCEROL 'C3 H8 O3'
#
# COMPACT_ATOMS: atom_id res chain seq x y z
N HIS A 4 -20.11 21.27 24.51
CA HIS A 4 -20.98 20.52 23.61
C HIS A 4 -22.38 20.40 24.19
N HIS A 5 -23.34 21.06 23.54
CA HIS A 5 -24.74 21.00 23.97
C HIS A 5 -25.38 19.66 23.57
N HIS A 6 -24.53 18.72 23.15
CA HIS A 6 -24.93 17.38 22.71
C HIS A 6 -23.67 16.50 22.63
N GLY A 7 -23.78 15.23 23.02
CA GLY A 7 -22.65 14.31 23.05
C GLY A 7 -22.31 13.87 21.62
N ALA A 8 -21.48 12.83 21.48
CA ALA A 8 -21.00 12.31 20.18
C ALA A 8 -19.55 12.02 20.08
N CYS A 9 -18.77 12.32 21.11
CA CYS A 9 -17.33 12.10 20.99
C CYS A 9 -16.92 11.03 21.99
N PRO A 10 -16.34 9.93 21.50
CA PRO A 10 -15.90 8.90 22.44
C PRO A 10 -14.88 9.41 23.45
N SER A 11 -14.94 8.85 24.66
CA SER A 11 -13.85 8.98 25.64
C SER A 11 -12.50 8.78 24.98
N GLN A 12 -11.54 9.66 25.30
CA GLN A 12 -10.15 9.64 24.84
C GLN A 12 -9.96 10.16 23.42
N CYS A 13 -11.04 10.54 22.74
CA CYS A 13 -10.91 11.17 21.42
C CYS A 13 -11.24 12.67 21.49
N SER A 14 -10.95 13.37 20.39
CA SER A 14 -11.41 14.73 20.19
C SER A 14 -12.14 14.84 18.86
N CYS A 15 -13.23 15.60 18.85
CA CYS A 15 -14.10 15.64 17.70
C CYS A 15 -14.42 17.07 17.30
N SER A 16 -14.39 17.32 16.00
CA SER A 16 -14.92 18.57 15.43
C SER A 16 -15.66 18.21 14.15
N GLY A 17 -16.85 18.75 13.95
CA GLY A 17 -17.60 18.46 12.74
C GLY A 17 -17.84 16.97 12.57
N THR A 18 -17.43 16.43 11.43
CA THR A 18 -17.60 14.99 11.17
C THR A 18 -16.27 14.25 11.26
N THR A 19 -15.31 14.87 11.95
CA THR A 19 -14.01 14.25 12.23
C THR A 19 -13.92 13.72 13.65
N VAL A 20 -13.45 12.49 13.80
CA VAL A 20 -13.24 11.89 15.13
C VAL A 20 -11.76 11.57 15.23
N ASN A 21 -11.07 12.25 16.14
CA ASN A 21 -9.62 12.14 16.23
C ASN A 21 -9.18 11.40 17.48
N CYS A 22 -8.75 10.15 17.31
CA CYS A 22 -8.30 9.36 18.45
C CYS A 22 -6.83 9.00 18.24
N LYS A 23 -6.09 9.88 17.55
CA LYS A 23 -4.68 9.61 17.25
C LYS A 23 -3.82 9.76 18.48
N SER A 24 -2.88 8.84 18.69
CA SER A 24 -1.88 8.97 19.76
C SER A 24 -2.51 9.08 21.13
N LYS A 25 -3.55 8.27 21.36
CA LYS A 25 -4.29 8.35 22.62
C LYS A 25 -4.05 7.14 23.51
N SER A 26 -2.98 6.40 23.25
CA SER A 26 -2.64 5.21 24.03
C SER A 26 -3.76 4.18 24.05
N LEU A 27 -4.46 4.04 22.93
CA LEU A 27 -5.62 3.14 22.86
C LEU A 27 -5.21 1.70 22.61
N ALA A 28 -5.82 0.76 23.33
CA ALA A 28 -5.58 -0.66 23.07
C ALA A 28 -6.67 -1.27 22.22
N SER A 29 -7.75 -0.54 22.00
CA SER A 29 -8.85 -1.04 21.19
C SER A 29 -9.65 0.14 20.60
N VAL A 30 -10.52 -0.15 19.65
CA VAL A 30 -11.37 0.90 19.03
C VAL A 30 -12.44 1.38 20.00
N PRO A 31 -12.49 2.70 20.23
CA PRO A 31 -13.53 3.24 21.13
C PRO A 31 -14.95 2.98 20.64
N ALA A 32 -15.85 2.72 21.59
CA ALA A 32 -17.26 2.61 21.28
C ALA A 32 -17.90 3.97 20.99
N GLY A 33 -18.98 3.95 20.22
CA GLY A 33 -19.83 5.13 20.09
C GLY A 33 -19.36 6.14 19.07
N ILE A 34 -18.54 5.70 18.13
CA ILE A 34 -18.23 6.61 17.02
C ILE A 34 -19.50 6.84 16.19
N PRO A 35 -19.88 8.11 15.93
CA PRO A 35 -21.16 8.35 15.24
C PRO A 35 -21.22 7.85 13.79
N THR A 36 -22.39 7.45 13.32
CA THR A 36 -22.48 6.92 11.95
C THR A 36 -22.25 7.99 10.91
N THR A 37 -22.30 9.25 11.33
CA THR A 37 -22.13 10.38 10.44
C THR A 37 -20.66 10.81 10.26
N THR A 38 -19.76 10.11 10.95
CA THR A 38 -18.33 10.41 10.91
C THR A 38 -17.77 10.27 9.50
N ARG A 39 -17.01 11.26 9.03
CA ARG A 39 -16.39 11.18 7.70
C ARG A 39 -14.87 10.92 7.73
N VAL A 40 -14.21 11.35 8.81
CA VAL A 40 -12.77 11.19 8.96
C VAL A 40 -12.50 10.59 10.35
N LEU A 41 -11.84 9.43 10.38
CA LEU A 41 -11.55 8.76 11.67
C LEU A 41 -10.08 8.48 11.82
N TYR A 42 -9.48 9.10 12.82
CA TYR A 42 -8.05 8.88 13.14
C TYR A 42 -7.94 7.87 14.28
N LEU A 43 -7.39 6.69 14.00
CA LEU A 43 -7.12 5.71 15.04
C LEU A 43 -5.62 5.37 15.04
N ASN A 44 -4.84 6.21 14.36
CA ASN A 44 -3.43 5.91 14.19
C ASN A 44 -2.56 6.21 15.41
N ASP A 45 -1.39 5.59 15.45
CA ASP A 45 -0.40 5.78 16.51
CA ASP A 45 -0.42 5.82 16.50
C ASP A 45 -0.98 5.38 17.85
N ASN A 46 -1.53 4.17 17.92
CA ASN A 46 -2.03 3.61 19.17
C ASN A 46 -1.41 2.23 19.35
N GLN A 47 -1.99 1.39 20.21
CA GLN A 47 -1.48 0.05 20.48
C GLN A 47 -2.58 -0.96 20.20
N ILE A 48 -3.37 -0.69 19.16
CA ILE A 48 -4.50 -1.56 18.85
C ILE A 48 -3.99 -2.86 18.25
N THR A 49 -4.39 -3.98 18.84
CA THR A 49 -3.87 -5.28 18.45
C THR A 49 -4.85 -6.11 17.65
N LYS A 50 -6.13 -5.76 17.73
CA LYS A 50 -7.11 -6.43 16.90
C LYS A 50 -8.30 -5.53 16.62
N LEU A 51 -9.00 -5.83 15.52
CA LEU A 51 -10.24 -5.15 15.20
C LEU A 51 -11.35 -6.20 15.23
N GLU A 52 -12.43 -5.91 15.97
CA GLU A 52 -13.53 -6.85 16.06
C GLU A 52 -14.28 -6.92 14.75
N PRO A 53 -14.72 -8.13 14.34
CA PRO A 53 -15.59 -8.19 13.16
C PRO A 53 -16.78 -7.26 13.32
N GLY A 54 -17.06 -6.46 12.31
CA GLY A 54 -18.23 -5.58 12.37
C GLY A 54 -18.02 -4.23 13.01
N VAL A 55 -16.80 -3.94 13.47
CA VAL A 55 -16.60 -2.73 14.25
C VAL A 55 -16.88 -1.45 13.44
N PHE A 56 -16.69 -1.51 12.12
CA PHE A 56 -16.93 -0.33 11.28
C PHE A 56 -18.23 -0.42 10.49
N ASP A 57 -19.05 -1.44 10.78
CA ASP A 57 -20.23 -1.71 9.91
C ASP A 57 -21.20 -0.54 9.82
N ARG A 58 -21.29 0.24 10.89
CA ARG A 58 -22.22 1.36 10.97
C ARG A 58 -21.71 2.60 10.28
N LEU A 59 -20.38 2.67 10.11
CA LEU A 59 -19.74 3.92 9.70
C LEU A 59 -19.77 4.12 8.18
N VAL A 60 -20.97 4.15 7.61
CA VAL A 60 -21.13 4.16 6.15
C VAL A 60 -20.71 5.47 5.47
N ASN A 61 -20.51 6.52 6.25
CA ASN A 61 -20.11 7.79 5.68
C ASN A 61 -18.60 8.08 5.71
N LEU A 62 -17.81 7.13 6.22
CA LEU A 62 -16.36 7.31 6.30
C LEU A 62 -15.76 7.56 4.95
N GLN A 63 -14.96 8.62 4.84
CA GLN A 63 -14.17 8.89 3.64
C GLN A 63 -12.69 8.61 3.86
N THR A 64 -12.22 8.84 5.09
CA THR A 64 -10.81 8.61 5.42
C THR A 64 -10.71 7.80 6.71
N LEU A 65 -9.94 6.72 6.66
CA LEU A 65 -9.74 5.88 7.85
C LEU A 65 -8.26 5.65 8.06
N TRP A 66 -7.75 6.13 9.20
CA TRP A 66 -6.33 5.99 9.51
C TRP A 66 -6.12 4.96 10.59
N LEU A 67 -5.58 3.80 10.22
CA LEU A 67 -5.33 2.72 11.18
C LEU A 67 -3.84 2.43 11.27
N ASN A 68 -3.03 3.29 10.67
CA ASN A 68 -1.58 3.09 10.61
C ASN A 68 -0.93 3.22 11.99
N ASN A 69 0.23 2.57 12.14
CA ASN A 69 1.04 2.67 13.36
C ASN A 69 0.24 2.10 14.54
N ASN A 70 -0.18 0.86 14.37
CA ASN A 70 -0.78 0.07 15.45
C ASN A 70 -0.08 -1.29 15.49
N GLN A 71 -0.75 -2.31 16.04
CA GLN A 71 -0.13 -3.62 16.15
C GLN A 71 -1.01 -4.70 15.54
N LEU A 72 -1.65 -4.39 14.41
CA LEU A 72 -2.58 -5.34 13.82
C LEU A 72 -1.83 -6.47 13.14
N THR A 73 -2.27 -7.70 13.34
CA THR A 73 -1.64 -8.83 12.63
C THR A 73 -2.57 -9.46 11.58
N SER A 74 -3.86 -9.17 11.67
CA SER A 74 -4.80 -9.66 10.65
C SER A 74 -6.03 -8.77 10.64
N LEU A 75 -6.84 -8.87 9.59
CA LEU A 75 -8.11 -8.15 9.51
C LEU A 75 -9.23 -9.17 9.37
N PRO A 76 -10.35 -8.93 10.06
CA PRO A 76 -11.47 -9.86 9.87
C PRO A 76 -12.07 -9.74 8.47
N ALA A 77 -12.60 -10.85 7.94
CA ALA A 77 -13.27 -10.78 6.66
C ALA A 77 -14.40 -9.77 6.77
N GLY A 78 -14.58 -8.93 5.76
CA GLY A 78 -15.77 -8.10 5.71
C GLY A 78 -15.62 -6.81 6.47
N LEU A 79 -14.45 -6.60 7.05
CA LEU A 79 -14.21 -5.45 7.92
C LEU A 79 -14.59 -4.11 7.31
N PHE A 80 -14.29 -3.93 6.02
CA PHE A 80 -14.55 -2.64 5.38
C PHE A 80 -15.79 -2.62 4.47
N ASP A 81 -16.60 -3.68 4.52
CA ASP A 81 -17.69 -3.84 3.51
C ASP A 81 -18.73 -2.72 3.51
N SER A 82 -18.90 -2.04 4.64
CA SER A 82 -19.85 -0.94 4.71
C SER A 82 -19.29 0.39 4.18
N LEU A 83 -17.97 0.46 4.02
CA LEU A 83 -17.33 1.76 3.80
C LEU A 83 -17.24 2.13 2.32
N THR A 84 -18.39 2.22 1.67
CA THR A 84 -18.39 2.39 0.23
C THR A 84 -17.95 3.79 -0.21
N GLN A 85 -17.97 4.75 0.71
CA GLN A 85 -17.57 6.12 0.42
C GLN A 85 -16.08 6.34 0.67
N LEU A 86 -15.39 5.30 1.11
CA LEU A 86 -14.01 5.47 1.58
C LEU A 86 -13.11 5.87 0.42
N THR A 87 -12.29 6.90 0.60
CA THR A 87 -11.32 7.25 -0.45
C THR A 87 -9.87 7.10 0.00
N ILE A 88 -9.62 7.15 1.31
CA ILE A 88 -8.26 6.92 1.84
C ILE A 88 -8.27 5.87 2.93
N LEU A 89 -7.43 4.86 2.80
CA LEU A 89 -7.34 3.83 3.84
C LEU A 89 -5.89 3.64 4.16
N ALA A 90 -5.50 3.88 5.40
CA ALA A 90 -4.10 3.72 5.82
C ALA A 90 -3.96 2.57 6.79
N LEU A 91 -3.18 1.57 6.42
CA LEU A 91 -2.90 0.38 7.25
C LEU A 91 -1.40 0.20 7.47
N ASP A 92 -0.62 1.21 7.10
CA ASP A 92 0.85 1.07 7.16
C ASP A 92 1.37 1.02 8.59
N SER A 93 2.56 0.42 8.75
CA SER A 93 3.20 0.32 10.06
C SER A 93 2.32 -0.46 11.03
N ASN A 94 1.90 -1.62 10.56
CA ASN A 94 1.28 -2.63 11.41
C ASN A 94 2.08 -3.92 11.31
N GLN A 95 1.49 -5.04 11.67
CA GLN A 95 2.20 -6.31 11.60
C GLN A 95 1.41 -7.31 10.73
N LEU A 96 0.79 -6.80 9.67
CA LEU A 96 -0.16 -7.60 8.91
C LEU A 96 0.57 -8.70 8.16
N GLN A 97 0.08 -9.94 8.32
CA GLN A 97 0.76 -11.07 7.70
C GLN A 97 0.00 -11.64 6.52
N ALA A 98 -1.23 -11.19 6.34
CA ALA A 98 -2.07 -11.63 5.24
C ALA A 98 -3.18 -10.63 5.09
N LEU A 99 -3.87 -10.67 3.95
CA LEU A 99 -5.11 -9.93 3.78
C LEU A 99 -6.19 -10.93 3.42
N PRO A 100 -7.38 -10.76 3.96
CA PRO A 100 -8.41 -11.74 3.61
C PRO A 100 -8.95 -11.55 2.20
N VAL A 101 -9.47 -12.62 1.62
CA VAL A 101 -10.09 -12.53 0.31
C VAL A 101 -11.22 -11.51 0.36
N GLY A 102 -11.21 -10.59 -0.60
CA GLY A 102 -12.31 -9.65 -0.77
C GLY A 102 -12.25 -8.44 0.13
N VAL A 103 -11.14 -8.31 0.86
CA VAL A 103 -11.12 -7.30 1.93
C VAL A 103 -11.36 -5.87 1.40
N PHE A 104 -10.97 -5.57 0.17
CA PHE A 104 -11.17 -4.22 -0.38
C PHE A 104 -12.28 -4.21 -1.43
N GLY A 105 -13.07 -5.29 -1.52
CA GLY A 105 -13.96 -5.49 -2.66
C GLY A 105 -15.07 -4.46 -2.82
N ARG A 106 -15.50 -3.91 -1.69
CA ARG A 106 -16.57 -2.93 -1.71
C ARG A 106 -16.06 -1.48 -1.78
N LEU A 107 -14.74 -1.30 -1.74
CA LEU A 107 -14.17 0.05 -1.66
C LEU A 107 -13.98 0.62 -3.08
N VAL A 108 -15.07 0.68 -3.83
CA VAL A 108 -14.96 1.03 -5.25
C VAL A 108 -14.54 2.49 -5.46
N ASP A 109 -14.73 3.34 -4.47
CA ASP A 109 -14.29 4.73 -4.57
C ASP A 109 -12.90 5.02 -4.01
N LEU A 110 -12.19 3.96 -3.59
CA LEU A 110 -10.89 4.17 -2.94
C LEU A 110 -9.87 4.83 -3.87
N GLN A 111 -9.16 5.84 -3.37
CA GLN A 111 -8.14 6.55 -4.16
C GLN A 111 -6.72 6.33 -3.66
N GLN A 112 -6.56 6.16 -2.34
CA GLN A 112 -5.25 5.95 -1.75
C GLN A 112 -5.27 4.78 -0.79
N LEU A 113 -4.34 3.85 -0.97
CA LEU A 113 -4.23 2.67 -0.12
C LEU A 113 -2.80 2.53 0.39
N TYR A 114 -2.61 2.62 1.70
CA TYR A 114 -1.27 2.53 2.30
C TYR A 114 -1.09 1.22 3.03
N LEU A 115 -0.17 0.38 2.54
CA LEU A 115 0.07 -0.93 3.14
C LEU A 115 1.55 -1.10 3.56
N GLY A 116 2.33 -0.02 3.48
CA GLY A 116 3.77 -0.09 3.73
C GLY A 116 4.08 -0.52 5.15
N SER A 117 5.26 -1.11 5.34
CA SER A 117 5.72 -1.49 6.68
C SER A 117 4.74 -2.45 7.37
N ASN A 118 4.52 -3.57 6.72
CA ASN A 118 3.78 -4.68 7.29
C ASN A 118 4.61 -5.96 7.05
N GLN A 119 4.01 -7.13 7.21
CA GLN A 119 4.72 -8.40 6.95
C GLN A 119 4.04 -9.22 5.85
N LEU A 120 3.52 -8.53 4.83
CA LEU A 120 2.80 -9.20 3.74
C LEU A 120 3.79 -9.94 2.82
N SER A 121 3.53 -11.20 2.52
CA SER A 121 4.48 -11.93 1.69
C SER A 121 3.85 -12.31 0.38
N ALA A 122 2.52 -12.41 0.40
CA ALA A 122 1.72 -12.80 -0.74
C ALA A 122 0.31 -12.29 -0.50
N LEU A 123 -0.43 -12.11 -1.59
CA LEU A 123 -1.76 -11.51 -1.52
C LEU A 123 -2.75 -12.28 -2.35
N PRO A 124 -4.04 -12.23 -1.99
CA PRO A 124 -5.07 -12.90 -2.81
C PRO A 124 -5.03 -12.36 -4.22
N SER A 125 -5.30 -13.19 -5.25
CA SER A 125 -5.04 -12.76 -6.61
C SER A 125 -5.92 -11.59 -7.05
N ALA A 126 -7.13 -11.50 -6.50
CA ALA A 126 -8.07 -10.47 -6.97
C ALA A 126 -8.19 -9.31 -5.99
N VAL A 127 -7.21 -9.19 -5.10
CA VAL A 127 -7.34 -8.29 -3.95
C VAL A 127 -7.56 -6.82 -4.38
N PHE A 128 -6.99 -6.41 -5.52
CA PHE A 128 -7.12 -5.01 -6.00
C PHE A 128 -8.13 -4.86 -7.14
N ASP A 129 -8.80 -5.94 -7.52
CA ASP A 129 -9.55 -5.91 -8.77
C ASP A 129 -10.70 -4.90 -8.82
N ARG A 130 -11.32 -4.63 -7.68
CA ARG A 130 -12.46 -3.73 -7.71
C ARG A 130 -12.06 -2.27 -7.49
N LEU A 131 -10.76 -2.01 -7.33
CA LEU A 131 -10.31 -0.66 -6.97
C LEU A 131 -10.04 0.18 -8.22
N VAL A 132 -11.10 0.44 -8.99
CA VAL A 132 -10.95 1.02 -10.33
C VAL A 132 -10.39 2.46 -10.33
N HIS A 133 -10.65 3.21 -9.26
CA HIS A 133 -10.27 4.61 -9.17
C HIS A 133 -8.96 4.86 -8.41
N LEU A 134 -8.29 3.78 -8.06
CA LEU A 134 -7.13 3.91 -7.18
C LEU A 134 -6.01 4.74 -7.84
N LYS A 135 -5.52 5.74 -7.10
CA LYS A 135 -4.42 6.60 -7.58
C LYS A 135 -3.09 6.32 -6.87
N GLU A 136 -3.14 5.87 -5.60
CA GLU A 136 -1.90 5.60 -4.89
C GLU A 136 -1.95 4.24 -4.22
N LEU A 137 -0.94 3.43 -4.50
CA LEU A 137 -0.79 2.16 -3.83
C LEU A 137 0.62 2.11 -3.28
N LEU A 138 0.73 2.20 -1.96
CA LEU A 138 2.04 2.23 -1.33
C LEU A 138 2.24 0.94 -0.53
N MET A 139 3.22 0.15 -0.93
CA MET A 139 3.46 -1.14 -0.31
C MET A 139 4.93 -1.40 -0.05
N CYS A 140 5.67 -0.39 0.38
CA CYS A 140 7.07 -0.64 0.69
C CYS A 140 7.19 -1.53 1.91
N CYS A 141 8.38 -2.07 2.10
CA CYS A 141 8.75 -2.53 3.44
C CYS A 141 7.82 -3.64 3.87
N ASN A 142 7.59 -4.57 2.97
CA ASN A 142 6.91 -5.81 3.29
C ASN A 142 7.84 -7.00 2.99
N LYS A 143 7.26 -8.16 2.70
CA LYS A 143 8.06 -9.36 2.36
C LYS A 143 7.69 -9.88 0.99
N LEU A 144 7.34 -8.98 0.06
CA LEU A 144 6.86 -9.41 -1.23
C LEU A 144 7.99 -10.02 -2.04
N THR A 145 7.75 -11.17 -2.64
CA THR A 145 8.77 -11.80 -3.51
C THR A 145 8.34 -11.85 -4.97
N GLU A 146 7.10 -11.45 -5.24
CA GLU A 146 6.57 -11.34 -6.60
C GLU A 146 5.70 -10.12 -6.69
N LEU A 147 5.66 -9.47 -7.84
CA LEU A 147 4.69 -8.38 -8.04
C LEU A 147 3.25 -8.90 -7.86
N PRO A 148 2.48 -8.26 -6.95
CA PRO A 148 1.09 -8.68 -6.81
C PRO A 148 0.35 -8.57 -8.11
N ARG A 149 -0.26 -9.68 -8.49
CA ARG A 149 -1.14 -9.70 -9.61
C ARG A 149 -2.27 -8.73 -9.30
N GLY A 150 -2.62 -7.96 -10.31
CA GLY A 150 -3.71 -7.03 -10.23
C GLY A 150 -3.22 -5.61 -10.38
N ILE A 151 -2.00 -5.36 -9.92
CA ILE A 151 -1.44 -4.01 -10.04
C ILE A 151 -1.36 -3.59 -11.52
N GLU A 152 -1.16 -4.56 -12.41
CA GLU A 152 -0.99 -4.26 -13.82
C GLU A 152 -2.26 -3.63 -14.41
N ARG A 153 -3.39 -3.82 -13.75
CA ARG A 153 -4.67 -3.31 -14.25
C ARG A 153 -5.10 -2.01 -13.57
N LEU A 154 -4.28 -1.49 -12.66
CA LEU A 154 -4.63 -0.27 -11.94
C LEU A 154 -4.20 0.97 -12.73
N THR A 155 -4.91 1.25 -13.82
CA THR A 155 -4.43 2.20 -14.81
C THR A 155 -4.42 3.66 -14.34
N HIS A 156 -5.09 3.95 -13.23
CA HIS A 156 -5.11 5.31 -12.73
C HIS A 156 -4.03 5.65 -11.69
N LEU A 157 -3.17 4.69 -11.39
CA LEU A 157 -2.11 4.93 -10.41
C LEU A 157 -1.18 6.08 -10.84
N THR A 158 -0.97 7.03 -9.91
CA THR A 158 0.05 8.05 -10.05
C THR A 158 1.25 7.72 -9.17
N HIS A 159 1.01 7.05 -8.05
CA HIS A 159 2.06 6.65 -7.10
C HIS A 159 2.02 5.16 -6.85
N LEU A 160 3.16 4.50 -7.02
CA LEU A 160 3.26 3.06 -6.72
C LEU A 160 4.55 2.84 -5.96
N ALA A 161 4.47 2.32 -4.73
CA ALA A 161 5.71 2.03 -3.99
C ALA A 161 5.86 0.56 -3.74
N LEU A 162 7.00 0.03 -4.19
CA LEU A 162 7.33 -1.38 -4.06
C LEU A 162 8.70 -1.54 -3.42
N ASP A 163 9.25 -0.45 -2.94
CA ASP A 163 10.62 -0.46 -2.45
C ASP A 163 10.77 -1.32 -1.18
N GLN A 164 11.99 -1.81 -0.95
CA GLN A 164 12.37 -2.51 0.29
C GLN A 164 11.53 -3.75 0.53
N ASN A 165 11.31 -4.47 -0.55
CA ASN A 165 10.73 -5.81 -0.49
C ASN A 165 11.80 -6.83 -0.90
N GLN A 166 11.40 -8.00 -1.38
CA GLN A 166 12.33 -9.02 -1.81
C GLN A 166 12.08 -9.37 -3.29
N LEU A 167 11.75 -8.36 -4.08
CA LEU A 167 11.39 -8.57 -5.48
C LEU A 167 12.66 -8.83 -6.26
N LYS A 168 12.59 -9.78 -7.20
CA LYS A 168 13.76 -10.09 -8.04
C LYS A 168 13.55 -9.70 -9.50
N SER A 169 12.30 -9.52 -9.92
CA SER A 169 12.06 -9.08 -11.30
C SER A 169 10.64 -8.59 -11.42
N ILE A 170 10.32 -8.01 -12.55
CA ILE A 170 8.95 -7.55 -12.80
C ILE A 170 8.48 -8.31 -14.04
N PRO A 171 7.30 -8.96 -13.97
CA PRO A 171 6.78 -9.69 -15.14
C PRO A 171 6.68 -8.82 -16.38
N HIS A 172 6.92 -9.41 -17.55
CA HIS A 172 6.99 -8.63 -18.77
C HIS A 172 5.72 -7.81 -18.99
N GLY A 173 5.87 -6.53 -19.28
CA GLY A 173 4.75 -5.67 -19.62
C GLY A 173 3.93 -5.20 -18.44
N ALA A 174 4.35 -5.55 -17.22
CA ALA A 174 3.49 -5.34 -16.06
C ALA A 174 3.15 -3.86 -15.80
N PHE A 175 4.01 -2.95 -16.22
CA PHE A 175 3.77 -1.52 -15.94
C PHE A 175 3.25 -0.78 -17.17
N ASP A 176 3.02 -1.49 -18.26
CA ASP A 176 2.77 -0.80 -19.52
C ASP A 176 1.41 -0.05 -19.55
N ARG A 177 0.42 -0.51 -18.79
CA ARG A 177 -0.86 0.17 -18.71
C ARG A 177 -0.91 1.31 -17.66
N LEU A 178 0.18 1.50 -16.94
CA LEU A 178 0.20 2.46 -15.84
C LEU A 178 0.71 3.82 -16.33
N SER A 179 0.02 4.38 -17.32
CA SER A 179 0.52 5.54 -18.04
C SER A 179 0.39 6.86 -17.27
N SER A 180 -0.24 6.81 -16.09
CA SER A 180 -0.39 7.99 -15.24
C SER A 180 0.65 8.07 -14.12
N LEU A 181 1.54 7.08 -14.02
CA LEU A 181 2.55 7.13 -12.95
C LEU A 181 3.42 8.38 -12.99
N THR A 182 3.54 9.02 -11.83
CA THR A 182 4.51 10.11 -11.65
C THR A 182 5.57 9.76 -10.61
N HIS A 183 5.27 8.79 -9.76
CA HIS A 183 6.20 8.35 -8.72
C HIS A 183 6.21 6.83 -8.62
N ALA A 184 7.32 6.19 -8.96
CA ALA A 184 7.46 4.75 -8.88
C ALA A 184 8.68 4.46 -7.99
N TYR A 185 8.47 3.78 -6.86
CA TYR A 185 9.55 3.48 -5.95
C TYR A 185 9.95 2.00 -6.09
N LEU A 186 11.21 1.74 -6.47
CA LEU A 186 11.67 0.38 -6.77
C LEU A 186 12.95 -0.03 -6.03
N PHE A 187 13.55 0.91 -5.32
CA PHE A 187 14.82 0.68 -4.64
C PHE A 187 14.71 -0.33 -3.48
N GLY A 188 15.84 -0.80 -2.98
CA GLY A 188 15.80 -1.69 -1.83
C GLY A 188 15.28 -3.07 -2.11
N ASN A 189 15.28 -3.49 -3.39
CA ASN A 189 14.94 -4.86 -3.77
C ASN A 189 16.17 -5.51 -4.40
N PRO A 190 16.32 -6.82 -4.19
CA PRO A 190 17.47 -7.58 -4.75
C PRO A 190 17.21 -8.00 -6.20
N TRP A 191 17.13 -7.00 -7.10
CA TRP A 191 16.80 -7.28 -8.51
C TRP A 191 17.82 -8.27 -9.05
N ASP A 192 17.33 -9.29 -9.73
CA ASP A 192 18.19 -10.35 -10.23
C ASP A 192 18.58 -9.99 -11.65
N CYS A 193 19.79 -9.42 -11.79
CA CYS A 193 20.26 -9.03 -13.11
C CYS A 193 20.95 -10.15 -13.85
N GLU A 194 20.96 -11.37 -13.31
CA GLU A 194 21.56 -12.50 -14.02
C GLU A 194 20.62 -13.04 -15.07
N CYS A 195 19.34 -12.86 -14.78
CA CYS A 195 18.24 -13.50 -15.49
C CYS A 195 17.71 -12.58 -16.59
N ARG A 196 17.48 -13.12 -17.80
CA ARG A 196 17.09 -12.28 -18.93
C ARG A 196 15.75 -11.60 -18.69
N ASP A 197 14.98 -12.13 -17.74
CA ASP A 197 13.69 -11.53 -17.34
C ASP A 197 13.84 -10.09 -16.83
N ILE A 198 15.04 -9.73 -16.37
CA ILE A 198 15.25 -8.35 -15.90
C ILE A 198 15.21 -7.34 -17.04
N MET A 199 15.34 -7.78 -18.30
CA MET A 199 15.42 -6.77 -19.34
C MET A 199 14.13 -5.94 -19.43
N TYR A 200 13.00 -6.47 -18.99
CA TYR A 200 11.78 -5.65 -19.05
C TYR A 200 11.91 -4.45 -18.10
N LEU A 201 12.30 -4.72 -16.86
CA LEU A 201 12.47 -3.66 -15.88
C LEU A 201 13.61 -2.70 -16.32
N ARG A 202 14.67 -3.27 -16.88
CA ARG A 202 15.81 -2.47 -17.37
C ARG A 202 15.31 -1.44 -18.38
N ASN A 203 14.59 -1.92 -19.39
CA ASN A 203 14.08 -1.03 -20.41
C ASN A 203 13.02 -0.08 -19.88
N TRP A 204 12.18 -0.56 -18.95
CA TRP A 204 11.13 0.29 -18.41
C TRP A 204 11.73 1.47 -17.63
N VAL A 205 12.72 1.18 -16.77
CA VAL A 205 13.39 2.26 -16.04
C VAL A 205 14.10 3.21 -17.02
N ALA A 206 14.79 2.66 -18.00
CA ALA A 206 15.50 3.48 -18.97
C ALA A 206 14.56 4.43 -19.70
N ASP A 207 13.31 4.00 -19.91
CA ASP A 207 12.33 4.79 -20.66
C ASP A 207 11.50 5.70 -19.75
N HIS A 208 11.66 5.57 -18.44
CA HIS A 208 10.86 6.30 -17.46
C HIS A 208 11.72 6.90 -16.36
N THR A 209 12.87 7.47 -16.74
CA THR A 209 13.84 7.86 -15.72
C THR A 209 13.30 8.96 -14.81
N SER A 210 12.42 9.82 -15.31
CA SER A 210 11.99 10.98 -14.52
C SER A 210 11.01 10.60 -13.42
N ILE A 211 10.48 9.38 -13.45
CA ILE A 211 9.47 9.04 -12.44
C ILE A 211 9.94 8.01 -11.42
N VAL A 212 11.18 7.52 -11.56
CA VAL A 212 11.68 6.56 -10.60
C VAL A 212 12.29 7.31 -9.41
N MET A 213 11.84 6.95 -8.22
CA MET A 213 12.08 7.78 -7.03
C MET A 213 12.70 7.01 -5.91
N ARG A 214 13.52 7.65 -5.10
CA ARG A 214 13.72 7.09 -3.75
C ARG A 214 13.12 8.03 -2.71
N TRP A 215 13.28 7.69 -1.44
CA TRP A 215 12.54 8.39 -0.39
C TRP A 215 13.46 8.76 0.74
N ASP A 216 13.53 10.05 1.07
CA ASP A 216 14.31 10.48 2.24
C ASP A 216 13.47 11.26 3.23
N GLY A 217 12.17 11.07 3.16
CA GLY A 217 11.26 11.98 3.84
C GLY A 217 10.45 12.74 2.81
N LYS A 218 11.02 12.85 1.61
CA LYS A 218 10.27 13.29 0.44
C LYS A 218 10.79 12.51 -0.77
N ALA A 219 10.10 12.65 -1.91
CA ALA A 219 10.51 11.92 -3.12
C ALA A 219 11.75 12.54 -3.74
N VAL A 220 12.68 11.68 -4.13
CA VAL A 220 13.90 12.12 -4.77
C VAL A 220 14.03 11.38 -6.09
N ASN A 221 14.05 12.11 -7.21
CA ASN A 221 14.19 11.44 -8.49
C ASN A 221 15.59 10.83 -8.63
N ASP A 222 15.63 9.51 -8.83
CA ASP A 222 16.91 8.80 -8.99
C ASP A 222 16.70 7.46 -9.66
N PRO A 223 16.88 7.43 -10.99
CA PRO A 223 16.66 6.19 -11.72
C PRO A 223 17.78 5.19 -11.49
N ASP A 224 18.86 5.59 -10.81
CA ASP A 224 19.91 4.62 -10.50
C ASP A 224 19.60 3.84 -9.20
N SER A 225 18.48 4.17 -8.56
CA SER A 225 18.21 3.63 -7.24
C SER A 225 17.74 2.17 -7.29
N ALA A 226 17.24 1.73 -8.44
CA ALA A 226 16.94 0.30 -8.58
C ALA A 226 18.26 -0.36 -8.97
N LYS A 227 18.79 -1.25 -8.11
CA LYS A 227 20.15 -1.77 -8.25
C LYS A 227 20.12 -3.28 -8.36
N CYS A 228 21.09 -3.82 -9.11
CA CYS A 228 21.29 -5.27 -9.13
C CYS A 228 21.70 -5.73 -7.74
N ALA A 229 21.18 -6.88 -7.33
CA ALA A 229 21.41 -7.41 -5.98
C ALA A 229 22.86 -7.37 -5.58
N GLY A 230 23.12 -6.79 -4.41
CA GLY A 230 24.46 -6.76 -3.86
C GLY A 230 25.43 -5.78 -4.47
N THR A 231 24.96 -4.90 -5.36
CA THR A 231 25.88 -4.06 -6.14
C THR A 231 25.39 -2.65 -6.18
N ASN A 232 26.26 -1.79 -6.70
CA ASN A 232 25.88 -0.41 -6.98
C ASN A 232 25.42 -0.21 -8.43
N THR A 233 25.33 -1.32 -9.16
CA THR A 233 24.99 -1.28 -10.60
C THR A 233 23.52 -1.02 -10.81
N PRO A 234 23.15 0.06 -11.53
CA PRO A 234 21.72 0.30 -11.76
C PRO A 234 21.15 -0.75 -12.71
N VAL A 235 19.95 -1.22 -12.38
CA VAL A 235 19.22 -2.12 -13.28
C VAL A 235 19.11 -1.53 -14.70
N ARG A 236 18.93 -0.21 -14.80
CA ARG A 236 18.75 0.38 -16.14
C ARG A 236 19.98 0.27 -17.04
N ALA A 237 21.14 -0.01 -16.44
CA ALA A 237 22.38 -0.08 -17.19
C ALA A 237 22.73 -1.49 -17.62
N VAL A 238 21.90 -2.45 -17.22
CA VAL A 238 22.18 -3.85 -17.53
C VAL A 238 22.18 -4.09 -19.04
N THR A 239 23.20 -4.80 -19.52
CA THR A 239 23.23 -5.15 -20.94
C THR A 239 22.57 -6.49 -21.23
N GLU A 240 22.01 -6.58 -22.42
CA GLU A 240 21.51 -7.86 -22.92
C GLU A 240 22.57 -8.96 -22.78
N ALA A 241 23.79 -8.63 -23.15
CA ALA A 241 24.89 -9.61 -23.18
C ALA A 241 25.18 -10.16 -21.79
N SER A 242 24.88 -9.38 -20.77
CA SER A 242 25.22 -9.79 -19.40
C SER A 242 24.14 -10.70 -18.78
N THR A 243 23.03 -10.94 -19.50
CA THR A 243 21.94 -11.75 -18.94
C THR A 243 21.83 -13.09 -19.64
N SER A 244 21.24 -14.04 -18.93
CA SER A 244 21.16 -15.43 -19.38
C SER A 244 19.73 -15.92 -19.25
N PRO A 245 19.22 -16.58 -20.28
CA PRO A 245 17.84 -17.09 -20.29
C PRO A 245 17.59 -18.25 -19.33
N SER A 246 18.48 -18.47 -18.36
CA SER A 246 18.38 -19.65 -17.50
C SER A 246 18.98 -19.49 -16.08
N LYS A 247 19.39 -18.28 -15.71
CA LYS A 247 19.75 -18.01 -14.32
C LYS A 247 18.51 -17.47 -13.60
N CYS A 248 17.35 -17.77 -14.18
CA CYS A 248 16.06 -17.33 -13.64
C CYS A 248 15.58 -18.31 -12.58
N PRO A 249 15.23 -17.78 -11.40
CA PRO A 249 14.95 -18.58 -10.20
C PRO A 249 13.55 -19.18 -10.19
CL CL B . 5.05 2.62 1.23
C1 GOL C . 21.54 -6.35 -1.46
O1 GOL C . 20.85 -6.33 -2.65
C2 GOL C . 21.43 -7.75 -0.95
O2 GOL C . 21.29 -8.67 -2.03
C3 GOL C . 22.64 -8.02 -0.10
O3 GOL C . 23.51 -6.91 -0.10
C1 GOL D . 18.87 -1.21 -3.36
O1 GOL D . 18.35 -0.18 -4.14
C2 GOL D . 19.31 -0.65 -2.04
O2 GOL D . 19.49 -1.78 -1.20
C3 GOL D . 20.67 -0.11 -2.38
O3 GOL D . 21.18 -1.12 -3.20
#